data_2OW4
#
_entry.id   2OW4
#
_cell.length_a   64.252
_cell.length_b   89.094
_cell.length_c   85.719
_cell.angle_alpha   90.00
_cell.angle_beta   90.00
_cell.angle_gamma   90.00
#
_symmetry.space_group_name_H-M   'I 2 2 2'
#
loop_
_entity.id
_entity.type
_entity.pdbx_description
1 polymer 'Canavalia maritima lectin'
2 branched 'alpha-D-mannopyranose-(1-2)-methyl alpha-D-mannopyranoside'
3 non-polymer 'CALCIUM ION'
4 non-polymer 'MANGANESE (II) ION'
5 water water
#
_entity_poly.entity_id   1
_entity_poly.type   'polypeptide(L)'
_entity_poly.pdbx_seq_one_letter_code
;ADTIVAVELDTYPNTDIGDPSYPHIGIDIKSVRSKKTAKWNMQNGKVGTAHIIYNSVGKRLSAVVSYPNGDSATVSYDVD
LDNVLPEWVRVGLSASTGLYKETNTILSWSFTSKLKSNSTHETNALHFSFNQFSKDQKDLILQGDATTGTDGNLELTRVS
SNGSPQGSSVGRALFYAPVHIWESSAVVASFDATFTFLIKSSDSHPADGIAFFISNIDSSIPSGSTGRLLGLFPDAN
;
_entity_poly.pdbx_strand_id   A
#
# COMPACT_ATOMS: atom_id res chain seq x y z
N ALA A 1 2.70 10.67 -16.58
CA ALA A 1 3.23 10.13 -15.30
C ALA A 1 3.01 8.64 -15.24
N ASP A 2 3.04 7.91 -13.50
CA ASP A 2 2.40 6.62 -13.24
C ASP A 2 0.88 6.77 -13.06
N THR A 3 0.22 5.62 -13.09
CA THR A 3 -1.18 5.52 -12.73
C THR A 3 -1.20 4.71 -11.45
N ILE A 4 -1.81 5.30 -10.44
CA ILE A 4 -1.77 4.74 -9.10
C ILE A 4 -3.17 4.58 -8.53
N VAL A 5 -3.42 3.38 -8.03
CA VAL A 5 -4.56 3.13 -7.16
C VAL A 5 -3.93 2.64 -5.88
N ALA A 6 -4.35 3.22 -4.77
CA ALA A 6 -3.72 2.86 -3.52
C ALA A 6 -4.69 2.92 -2.37
N VAL A 7 -4.37 2.12 -1.36
CA VAL A 7 -4.98 2.26 -0.07
C VAL A 7 -3.89 2.79 0.85
N GLU A 8 -4.11 3.99 1.39
CA GLU A 8 -3.12 4.60 2.25
C GLU A 8 -3.51 4.47 3.69
N LEU A 9 -2.50 4.17 4.50
CA LEU A 9 -2.58 4.22 5.92
C LEU A 9 -1.81 5.48 6.25
N ASP A 10 -2.54 6.58 6.38
CA ASP A 10 -1.90 7.90 6.45
C ASP A 10 -1.76 8.34 7.91
N THR A 11 -0.54 8.39 8.42
CA THR A 11 -0.32 8.63 9.85
C THR A 11 -0.28 10.12 10.21
N TYR A 12 -0.11 10.96 9.20
CA TYR A 12 0.19 12.37 9.41
C TYR A 12 -0.79 13.22 8.61
N PRO A 13 -1.69 13.94 9.30
CA PRO A 13 -2.60 14.83 8.59
C PRO A 13 -1.88 15.97 7.89
N ASN A 14 -2.01 16.00 6.57
CA ASN A 14 -1.57 17.11 5.74
C ASN A 14 -2.81 17.83 5.27
N THR A 15 -3.39 18.63 6.15
CA THR A 15 -4.69 19.22 5.87
C THR A 15 -4.63 20.21 4.72
N ASP A 16 -3.45 20.76 4.45
CA ASP A 16 -3.30 21.68 3.31
C ASP A 16 -3.48 20.98 1.96
N ILE A 17 -3.39 19.66 1.93
CA ILE A 17 -3.70 18.91 0.72
C ILE A 17 -4.86 17.93 0.88
N GLY A 18 -5.80 18.28 1.76
CA GLY A 18 -7.08 17.62 1.78
C GLY A 18 -7.16 16.45 2.72
N ASP A 19 -6.06 16.15 3.43
CA ASP A 19 -6.12 15.11 4.46
C ASP A 19 -7.12 15.56 5.50
N PRO A 20 -7.87 14.65 6.09
CA PRO A 20 -8.63 15.02 7.28
C PRO A 20 -7.65 15.36 8.40
N SER A 21 -8.16 15.97 9.46
CA SER A 21 -7.29 16.53 10.48
C SER A 21 -6.69 15.47 11.40
N TYR A 22 -6.95 14.20 11.08
CA TYR A 22 -6.56 13.08 11.94
C TYR A 22 -5.91 12.00 11.05
N PRO A 23 -5.11 11.11 11.63
CA PRO A 23 -4.62 9.97 10.89
C PRO A 23 -5.81 9.21 10.34
N HIS A 24 -5.63 8.59 9.19
CA HIS A 24 -6.78 8.08 8.49
C HIS A 24 -6.32 7.03 7.52
N ILE A 25 -7.25 6.16 7.15
CA ILE A 25 -6.99 5.35 5.99
C ILE A 25 -7.75 5.95 4.83
N GLY A 26 -7.28 5.69 3.62
CA GLY A 26 -7.90 6.31 2.49
C GLY A 26 -7.76 5.48 1.24
N ILE A 27 -8.68 5.70 0.33
CA ILE A 27 -8.57 5.11 -0.99
C ILE A 27 -8.20 6.20 -1.98
N ASP A 28 -7.09 5.97 -2.66
CA ASP A 28 -6.50 6.95 -3.56
C ASP A 28 -6.63 6.44 -4.96
N ILE A 29 -7.33 7.20 -5.80
CA ILE A 29 -7.47 6.85 -7.19
C ILE A 29 -6.82 7.96 -7.99
N LYS A 30 -5.59 7.70 -8.43
CA LYS A 30 -4.82 8.62 -9.28
C LYS A 30 -4.55 9.99 -8.64
N SER A 31 -4.66 10.03 -7.31
CA SER A 31 -4.40 11.24 -6.57
C SER A 31 -4.14 10.88 -5.13
N VAL A 32 -3.23 11.61 -4.49
CA VAL A 32 -2.99 11.45 -3.07
C VAL A 32 -4.17 11.93 -2.23
N ARG A 33 -5.06 12.68 -2.86
CA ARG A 33 -6.18 13.25 -2.18
C ARG A 33 -7.27 12.20 -2.23
N SER A 34 -7.34 11.44 -1.16
CA SER A 34 -8.18 10.24 -1.12
C SER A 34 -9.59 10.57 -1.55
N LYS A 35 -10.16 9.62 -2.31
CA LYS A 35 -11.56 9.70 -2.72
C LYS A 35 -12.47 9.40 -1.54
N LYS A 36 -11.94 8.63 -0.60
CA LYS A 36 -12.67 8.29 0.59
C LYS A 36 -11.66 8.06 1.71
N THR A 37 -11.99 8.54 2.91
CA THR A 37 -11.14 8.29 4.05
C THR A 37 -11.96 7.86 5.25
N ALA A 38 -11.28 7.27 6.21
CA ALA A 38 -11.91 6.96 7.47
C ALA A 38 -10.90 7.23 8.55
N LYS A 39 -11.39 7.77 9.67
CA LYS A 39 -10.50 8.06 10.79
C LYS A 39 -9.82 6.78 11.25
N TRP A 40 -8.51 6.86 11.46
CA TRP A 40 -7.74 5.71 11.82
C TRP A 40 -6.90 5.99 13.04
N ASN A 41 -7.04 5.16 14.06
CA ASN A 41 -6.12 5.16 15.21
C ASN A 41 -4.88 4.28 15.00
N MET A 42 -3.76 4.89 14.62
CA MET A 42 -2.52 4.15 14.48
C MET A 42 -2.03 3.87 15.91
N GLN A 43 -1.80 2.60 16.22
CA GLN A 43 -1.38 2.25 17.58
C GLN A 43 0.12 2.11 17.56
N ASN A 44 0.76 3.14 18.09
CA ASN A 44 2.21 3.26 18.05
C ASN A 44 2.86 1.99 18.59
N GLY A 45 3.68 1.36 17.77
CA GLY A 45 4.43 0.21 18.20
C GLY A 45 3.68 -1.11 18.17
N LYS A 46 2.40 -1.09 17.81
CA LYS A 46 1.61 -2.32 17.67
C LYS A 46 1.63 -2.82 16.21
N VAL A 47 1.42 -4.13 16.06
CA VAL A 47 1.38 -4.70 14.73
C VAL A 47 -0.03 -4.58 14.22
N GLY A 48 -0.18 -3.90 13.09
CA GLY A 48 -1.50 -3.71 12.46
C GLY A 48 -1.65 -4.63 11.26
N THR A 49 -2.88 -4.83 10.82
CA THR A 49 -3.14 -5.65 9.64
C THR A 49 -4.05 -4.87 8.74
N ALA A 50 -3.68 -4.78 7.48
CA ALA A 50 -4.48 -4.09 6.51
C ALA A 50 -4.96 -5.12 5.51
N HIS A 51 -6.24 -5.05 5.18
CA HIS A 51 -6.80 -5.91 4.16
C HIS A 51 -7.36 -5.01 3.09
N ILE A 52 -7.10 -5.36 1.84
CA ILE A 52 -7.65 -4.63 0.72
C ILE A 52 -8.35 -5.64 -0.17
N ILE A 53 -9.54 -5.30 -0.63
CA ILE A 53 -10.33 -6.25 -1.39
C ILE A 53 -11.11 -5.53 -2.47
N TYR A 54 -11.20 -6.16 -3.63
CA TYR A 54 -11.93 -5.61 -4.75
C TYR A 54 -12.36 -6.74 -5.64
N ASN A 55 -13.56 -6.62 -6.22
CA ASN A 55 -13.85 -7.47 -7.37
C ASN A 55 -14.55 -6.63 -8.43
N SER A 56 -14.40 -7.05 -9.68
CA SER A 56 -14.90 -6.28 -10.83
C SER A 56 -16.42 -6.36 -10.98
N VAL A 57 -17.07 -7.18 -10.18
CA VAL A 57 -18.53 -7.29 -10.26
C VAL A 57 -19.13 -6.22 -9.37
N GLY A 58 -18.77 -6.27 -8.08
CA GLY A 58 -19.25 -5.29 -7.12
C GLY A 58 -18.68 -3.90 -7.40
N LYS A 59 -17.50 -3.86 -8.02
CA LYS A 59 -16.83 -2.60 -8.37
C LYS A 59 -16.71 -1.69 -7.15
N ARG A 60 -16.25 -2.29 -6.06
CA ARG A 60 -16.11 -1.57 -4.82
C ARG A 60 -14.77 -1.94 -4.24
N LEU A 61 -13.90 -0.95 -4.08
CA LEU A 61 -12.59 -1.17 -3.50
C LEU A 61 -12.72 -0.91 -2.01
N SER A 62 -12.35 -1.91 -1.21
CA SER A 62 -12.53 -1.82 0.22
C SER A 62 -11.24 -2.11 0.93
N ALA A 63 -11.10 -1.49 2.10
CA ALA A 63 -9.93 -1.73 2.93
C ALA A 63 -10.36 -1.67 4.38
N VAL A 64 -9.71 -2.49 5.20
CA VAL A 64 -9.87 -2.43 6.65
C VAL A 64 -8.49 -2.52 7.21
N VAL A 65 -8.24 -1.75 8.26
CA VAL A 65 -6.99 -1.87 8.97
C VAL A 65 -7.32 -2.07 10.43
N SER A 66 -6.73 -3.11 11.00
CA SER A 66 -7.07 -3.51 12.36
C SER A 66 -5.85 -3.73 13.21
N TYR A 67 -6.07 -3.65 14.51
CA TYR A 67 -5.05 -3.98 15.48
C TYR A 67 -5.60 -5.08 16.39
N PRO A 68 -4.70 -5.79 17.07
CA PRO A 68 -5.11 -6.92 17.92
C PRO A 68 -6.15 -6.60 18.98
N ASN A 69 -6.17 -5.37 19.47
CA ASN A 69 -7.20 -5.00 20.45
C ASN A 69 -8.58 -4.80 19.84
N GLY A 70 -8.72 -5.02 18.52
CA GLY A 70 -10.02 -4.97 17.88
C GLY A 70 -10.32 -3.65 17.23
N ASP A 71 -9.55 -2.62 17.56
CA ASP A 71 -9.76 -1.35 16.88
C ASP A 71 -9.47 -1.51 15.42
N SER A 72 -10.26 -0.84 14.60
CA SER A 72 -10.09 -0.94 13.17
C SER A 72 -10.71 0.28 12.52
N ALA A 73 -10.35 0.48 11.27
CA ALA A 73 -10.98 1.49 10.46
C ALA A 73 -11.18 0.89 9.10
N THR A 74 -12.22 1.33 8.43
CA THR A 74 -12.52 0.77 7.12
C THR A 74 -12.98 1.86 6.18
N VAL A 75 -12.66 1.66 4.92
CA VAL A 75 -13.07 2.58 3.89
C VAL A 75 -13.38 1.77 2.65
N SER A 76 -14.42 2.21 1.96
CA SER A 76 -14.81 1.56 0.73
C SER A 76 -15.14 2.64 -0.26
N TYR A 77 -14.85 2.36 -1.52
CA TYR A 77 -15.13 3.35 -2.55
C TYR A 77 -15.59 2.62 -3.78
N ASP A 78 -16.69 3.08 -4.35
CA ASP A 78 -17.15 2.51 -5.60
C ASP A 78 -16.36 3.06 -6.78
N VAL A 79 -15.74 2.15 -7.50
CA VAL A 79 -14.86 2.50 -8.60
C VAL A 79 -14.73 1.26 -9.46
N ASP A 80 -14.80 1.46 -10.77
CA ASP A 80 -14.53 0.38 -11.68
C ASP A 80 -13.07 0.51 -12.06
N LEU A 81 -12.25 -0.36 -11.48
CA LEU A 81 -10.82 -0.26 -11.68
C LEU A 81 -10.41 -0.57 -13.12
N ASP A 82 -11.27 -1.26 -13.88
CA ASP A 82 -11.01 -1.50 -15.32
C ASP A 82 -10.81 -0.21 -16.05
N ASN A 83 -11.44 0.85 -15.56
CA ASN A 83 -11.39 2.13 -16.22
C ASN A 83 -10.38 3.08 -15.63
N VAL A 84 -9.61 2.58 -14.66
CA VAL A 84 -8.60 3.37 -14.01
C VAL A 84 -7.23 2.81 -14.30
N LEU A 85 -7.06 1.50 -14.02
CA LEU A 85 -5.77 0.86 -14.11
C LEU A 85 -5.54 0.29 -15.49
N PRO A 86 -4.29 0.21 -15.93
CA PRO A 86 -3.98 -0.54 -17.13
C PRO A 86 -4.27 -2.02 -16.87
N GLU A 87 -4.40 -2.78 -17.94
CA GLU A 87 -4.69 -4.19 -17.87
C GLU A 87 -3.64 -4.95 -17.06
N TRP A 88 -2.40 -4.54 -17.25
CA TRP A 88 -1.30 -5.15 -16.56
C TRP A 88 -0.74 -4.15 -15.58
N VAL A 89 -0.51 -4.64 -14.38
CA VAL A 89 -0.07 -3.75 -13.32
C VAL A 89 1.05 -4.40 -12.55
N ARG A 90 1.71 -3.62 -11.70
CA ARG A 90 2.44 -4.22 -10.59
C ARG A 90 1.76 -3.81 -9.31
N VAL A 91 1.92 -4.65 -8.30
CA VAL A 91 1.31 -4.35 -7.02
C VAL A 91 2.44 -4.15 -6.04
N GLY A 92 2.22 -3.29 -5.07
CA GLY A 92 3.32 -2.99 -4.17
C GLY A 92 2.90 -2.38 -2.88
N LEU A 93 3.91 -2.16 -2.04
CA LEU A 93 3.73 -1.43 -0.80
C LEU A 93 4.68 -0.25 -0.89
N SER A 94 4.22 0.88 -0.37
CA SER A 94 5.04 2.07 -0.36
C SER A 94 4.95 2.67 1.03
N ALA A 95 5.98 3.40 1.42
CA ALA A 95 5.87 4.15 2.65
C ALA A 95 6.79 5.33 2.58
N SER A 96 6.53 6.31 3.42
CA SER A 96 7.44 7.42 3.48
C SER A 96 7.51 7.95 4.89
N THR A 97 8.54 8.74 5.12
CA THR A 97 8.63 9.60 6.29
C THR A 97 8.99 10.98 5.73
N GLY A 98 9.04 11.97 6.59
CA GLY A 98 9.31 13.30 6.09
C GLY A 98 10.03 14.05 7.17
N LEU A 99 9.47 15.18 7.56
CA LEU A 99 10.03 15.91 8.68
C LEU A 99 9.92 15.08 9.94
N TYR A 100 8.79 14.38 10.06
CA TYR A 100 8.57 13.42 11.12
C TYR A 100 8.65 12.04 10.55
N LYS A 101 8.74 11.07 11.44
CA LYS A 101 9.11 9.76 10.98
C LYS A 101 8.46 8.68 11.81
N GLU A 102 8.68 7.46 11.36
CA GLU A 102 8.10 6.31 11.97
C GLU A 102 8.74 5.15 11.26
N THR A 103 8.78 4.00 11.90
CA THR A 103 9.13 2.80 11.16
C THR A 103 7.96 2.49 10.26
N ASN A 104 8.27 1.99 9.06
CA ASN A 104 7.25 1.54 8.15
C ASN A 104 7.56 0.09 7.83
N THR A 105 7.47 -0.71 8.88
CA THR A 105 7.97 -2.07 8.86
C THR A 105 6.86 -2.99 8.43
N ILE A 106 7.13 -3.76 7.39
CA ILE A 106 6.16 -4.72 6.90
C ILE A 106 6.59 -6.08 7.37
N LEU A 107 5.69 -6.79 8.04
CA LEU A 107 6.00 -8.09 8.61
C LEU A 107 5.50 -9.20 7.72
N SER A 108 4.48 -8.91 6.94
CA SER A 108 3.94 -9.91 6.03
C SER A 108 3.12 -9.20 4.97
N TRP A 109 2.96 -9.87 3.83
CA TRP A 109 2.19 -9.30 2.75
C TRP A 109 1.75 -10.44 1.87
N SER A 110 0.44 -10.51 1.65
CA SER A 110 -0.09 -11.49 0.72
C SER A 110 -0.96 -10.78 -0.30
N PHE A 111 -1.07 -11.39 -1.46
CA PHE A 111 -1.84 -10.82 -2.53
C PHE A 111 -2.41 -11.97 -3.36
N THR A 112 -3.66 -11.82 -3.75
CA THR A 112 -4.28 -12.80 -4.62
C THR A 112 -5.05 -12.05 -5.69
N SER A 113 -4.86 -12.44 -6.95
CA SER A 113 -5.61 -11.83 -8.04
C SER A 113 -6.12 -12.95 -8.92
N LYS A 114 -7.37 -12.87 -9.34
CA LYS A 114 -7.91 -13.90 -10.21
C LYS A 114 -8.67 -13.24 -11.32
N LEU A 115 -8.58 -13.81 -12.50
CA LEU A 115 -9.41 -13.43 -13.63
C LEU A 115 -10.18 -14.67 -13.99
N LYS A 116 -11.50 -14.61 -13.96
CA LYS A 116 -12.34 -15.78 -14.26
C LYS A 116 -13.23 -15.44 -15.43
N SER A 117 -13.54 -16.43 -16.27
CA SER A 117 -14.25 -16.09 -17.52
C SER A 117 -15.29 -17.07 -18.05
N ASN A 118 -15.93 -16.68 -19.17
CA ASN A 118 -16.98 -17.41 -19.93
C ASN A 118 -17.65 -18.67 -19.36
N SER A 119 -16.81 -19.68 -19.09
CA SER A 119 -17.22 -21.03 -18.66
C SER A 119 -16.62 -21.43 -17.28
N THR A 120 -16.39 -22.73 -17.05
CA THR A 120 -15.97 -23.25 -15.70
C THR A 120 -14.99 -22.34 -14.93
N HIS A 121 -14.53 -22.76 -13.74
CA HIS A 121 -13.45 -22.01 -13.04
C HIS A 121 -12.13 -22.07 -13.82
N GLU A 122 -12.22 -21.75 -15.13
CA GLU A 122 -11.06 -21.59 -16.03
C GLU A 122 -10.61 -20.12 -16.03
N THR A 123 -9.39 -19.93 -15.57
CA THR A 123 -9.04 -18.77 -14.80
C THR A 123 -7.55 -18.58 -14.83
N ASN A 124 -7.12 -17.32 -14.86
CA ASN A 124 -5.74 -16.99 -14.54
C ASN A 124 -5.66 -16.42 -13.16
N ALA A 125 -4.59 -16.74 -12.46
CA ALA A 125 -4.52 -16.34 -11.07
C ALA A 125 -3.09 -16.08 -10.70
N LEU A 126 -2.90 -15.19 -9.76
CA LEU A 126 -1.62 -15.02 -9.12
C LEU A 126 -1.88 -14.94 -7.64
N HIS A 127 -1.08 -15.64 -6.86
CA HIS A 127 -1.15 -15.49 -5.43
C HIS A 127 0.27 -15.51 -4.91
N PHE A 128 0.61 -14.55 -4.07
CA PHE A 128 1.87 -14.70 -3.36
C PHE A 128 1.67 -14.33 -1.92
N SER A 129 2.49 -14.91 -1.08
CA SER A 129 2.47 -14.48 0.31
C SER A 129 3.89 -14.45 0.82
N PHE A 130 4.16 -13.38 1.55
CA PHE A 130 5.39 -13.27 2.31
C PHE A 130 4.99 -13.19 3.78
N ASN A 131 5.31 -14.20 4.56
CA ASN A 131 5.21 -14.05 6.00
C ASN A 131 6.55 -13.78 6.63
N GLN A 132 7.59 -13.94 5.81
CA GLN A 132 8.93 -13.53 6.17
C GLN A 132 9.59 -13.00 4.92
N PHE A 133 10.40 -11.97 5.09
CA PHE A 133 11.23 -11.45 4.02
C PHE A 133 12.66 -11.80 4.30
N SER A 134 13.39 -12.05 3.23
CA SER A 134 14.79 -12.42 3.38
C SER A 134 15.65 -11.31 2.85
N LYS A 135 16.91 -11.34 3.26
CA LYS A 135 17.89 -10.31 2.97
C LYS A 135 17.96 -9.97 1.48
N ASP A 136 17.82 -11.00 0.65
CA ASP A 136 17.90 -10.86 -0.79
C ASP A 136 16.61 -11.49 -1.36
N GLN A 137 15.55 -10.69 -1.31
CA GLN A 137 14.23 -11.16 -1.68
C GLN A 137 14.04 -10.89 -3.17
N LYS A 138 14.43 -11.87 -3.99
CA LYS A 138 14.53 -11.67 -5.43
C LYS A 138 13.22 -11.49 -6.15
N ASP A 139 12.12 -11.80 -5.47
CA ASP A 139 10.81 -11.62 -6.11
C ASP A 139 10.16 -10.30 -5.71
N LEU A 140 10.96 -9.44 -5.08
CA LEU A 140 10.54 -8.08 -4.82
C LEU A 140 11.43 -7.11 -5.52
N ILE A 141 10.81 -6.12 -6.14
CA ILE A 141 11.53 -4.99 -6.66
C ILE A 141 11.49 -3.95 -5.55
N LEU A 142 12.65 -3.71 -4.97
CA LEU A 142 12.79 -2.69 -3.94
C LEU A 142 13.19 -1.35 -4.54
N GLN A 143 12.47 -0.31 -4.15
CA GLN A 143 12.70 1.01 -4.68
C GLN A 143 13.00 1.96 -3.56
N GLY A 144 13.88 2.91 -3.82
CA GLY A 144 14.21 3.94 -2.84
C GLY A 144 14.90 3.30 -1.67
N ASP A 145 14.37 3.58 -0.48
CA ASP A 145 15.03 3.21 0.73
C ASP A 145 14.60 1.86 1.25
N ALA A 146 13.67 1.21 0.54
CA ALA A 146 13.14 -0.07 1.01
C ALA A 146 14.24 -1.11 1.08
N THR A 147 14.25 -1.87 2.16
CA THR A 147 15.18 -2.98 2.33
C THR A 147 14.47 -4.15 2.98
N THR A 148 14.98 -5.34 2.71
CA THR A 148 14.59 -6.49 3.46
C THR A 148 15.79 -6.92 4.26
N GLY A 149 15.54 -7.67 5.32
CA GLY A 149 16.60 -7.93 6.25
C GLY A 149 16.48 -9.33 6.75
N THR A 150 17.54 -9.77 7.40
CA THR A 150 17.59 -11.08 8.01
C THR A 150 16.57 -11.16 9.14
N ASP A 151 16.13 -10.00 9.65
CA ASP A 151 15.12 -9.97 10.72
C ASP A 151 13.73 -10.40 10.23
N GLY A 152 13.63 -10.64 8.93
CA GLY A 152 12.44 -11.25 8.38
C GLY A 152 11.44 -10.20 7.92
N ASN A 153 11.83 -8.93 8.09
CA ASN A 153 10.92 -7.83 7.74
C ASN A 153 11.32 -7.04 6.53
N LEU A 154 10.35 -6.32 6.00
CA LEU A 154 10.56 -5.39 4.93
C LEU A 154 10.46 -4.01 5.53
N GLU A 155 11.58 -3.30 5.56
CA GLU A 155 11.57 -1.95 6.07
C GLU A 155 11.40 -1.05 4.87
N LEU A 156 10.21 -0.50 4.74
CA LEU A 156 9.99 0.32 3.56
C LEU A 156 10.78 1.60 3.61
N THR A 157 10.97 2.13 4.80
CA THR A 157 11.75 3.36 4.91
C THR A 157 12.93 3.14 5.83
N ARG A 158 13.88 4.06 5.76
CA ARG A 158 15.15 3.87 6.46
C ARG A 158 14.98 3.79 7.97
N VAL A 159 15.61 2.78 8.55
CA VAL A 159 15.71 2.63 9.98
C VAL A 159 17.19 2.46 10.29
N SER A 160 17.66 3.15 11.31
CA SER A 160 19.08 3.07 11.65
C SER A 160 19.36 1.72 12.29
N SER A 161 20.64 1.40 12.45
CA SER A 161 21.04 0.18 13.16
C SER A 161 20.38 0.14 14.53
N ASN A 162 20.44 1.26 15.26
CA ASN A 162 19.85 1.39 16.59
C ASN A 162 18.31 1.27 16.63
N GLY A 163 17.69 1.05 15.47
CA GLY A 163 16.25 0.79 15.36
C GLY A 163 15.42 2.05 15.17
N SER A 164 16.11 3.19 15.09
CA SER A 164 15.46 4.48 15.00
C SER A 164 15.12 4.82 13.55
N PRO A 165 13.84 5.08 13.27
CA PRO A 165 13.42 5.47 11.92
C PRO A 165 14.01 6.83 11.54
N GLN A 166 14.23 7.02 10.24
CA GLN A 166 14.81 8.25 9.73
C GLN A 166 13.76 9.01 8.97
N GLY A 167 13.88 10.33 8.99
CA GLY A 167 13.00 11.18 8.20
C GLY A 167 13.44 11.23 6.75
N SER A 168 12.65 11.94 5.93
CA SER A 168 12.92 12.17 4.53
C SER A 168 13.20 10.87 3.80
N SER A 169 12.49 9.81 4.21
CA SER A 169 12.69 8.49 3.61
C SER A 169 11.48 8.09 2.75
N VAL A 170 11.77 7.37 1.69
CA VAL A 170 10.70 6.81 0.87
C VAL A 170 11.18 5.49 0.32
N GLY A 171 10.29 4.51 0.32
CA GLY A 171 10.68 3.21 -0.15
C GLY A 171 9.46 2.46 -0.60
N ARG A 172 9.66 1.60 -1.57
CA ARG A 172 8.59 0.71 -2.00
C ARG A 172 9.10 -0.66 -2.29
N ALA A 173 8.16 -1.61 -2.29
CA ALA A 173 8.46 -2.98 -2.69
C ALA A 173 7.35 -3.41 -3.61
N LEU A 174 7.69 -3.82 -4.81
CA LEU A 174 6.68 -4.26 -5.75
C LEU A 174 6.88 -5.73 -6.02
N PHE A 175 5.80 -6.47 -6.16
CA PHE A 175 6.01 -7.86 -6.52
C PHE A 175 6.61 -7.92 -7.91
N TYR A 176 7.52 -8.87 -8.10
CA TYR A 176 8.31 -8.91 -9.32
C TYR A 176 7.44 -9.10 -10.55
N ALA A 177 6.48 -10.02 -10.47
CA ALA A 177 5.69 -10.35 -11.66
C ALA A 177 4.58 -9.33 -11.88
N PRO A 178 4.46 -8.83 -13.11
CA PRO A 178 3.29 -8.05 -13.47
C PRO A 178 2.05 -8.88 -13.20
N VAL A 179 0.95 -8.21 -12.92
CA VAL A 179 -0.29 -8.85 -12.58
C VAL A 179 -1.32 -8.47 -13.62
N HIS A 180 -2.04 -9.46 -14.11
CA HIS A 180 -3.06 -9.18 -15.10
C HIS A 180 -4.30 -8.87 -14.30
N ILE A 181 -4.47 -7.58 -13.99
CA ILE A 181 -5.40 -7.20 -12.93
C ILE A 181 -6.81 -7.15 -13.44
N TRP A 182 -6.93 -6.98 -14.75
CA TRP A 182 -8.21 -7.11 -15.43
C TRP A 182 -7.99 -7.46 -16.89
N GLU A 183 -9.06 -7.92 -17.52
CA GLU A 183 -9.03 -8.32 -18.91
C GLU A 183 -10.46 -8.11 -19.39
N SER A 184 -10.61 -7.63 -20.62
CA SER A 184 -11.93 -7.30 -21.14
C SER A 184 -12.90 -8.48 -21.15
N SER A 185 -12.39 -9.66 -21.48
CA SER A 185 -13.23 -10.85 -21.57
C SER A 185 -13.36 -11.57 -20.23
N ALA A 186 -12.71 -11.05 -19.20
CA ALA A 186 -12.85 -11.61 -17.88
C ALA A 186 -14.24 -11.31 -17.35
N VAL A 187 -14.89 -12.35 -16.86
CA VAL A 187 -16.20 -12.17 -16.29
C VAL A 187 -16.08 -11.59 -14.88
N VAL A 188 -15.12 -12.09 -14.11
CA VAL A 188 -14.84 -11.55 -12.78
C VAL A 188 -13.35 -11.38 -12.69
N ALA A 189 -12.94 -10.23 -12.20
CA ALA A 189 -11.55 -9.97 -11.85
C ALA A 189 -11.64 -9.63 -10.36
N SER A 190 -10.89 -10.33 -9.53
CA SER A 190 -10.93 -10.03 -8.12
C SER A 190 -9.53 -10.03 -7.57
N PHE A 191 -9.30 -9.20 -6.58
CA PHE A 191 -8.02 -9.28 -5.89
C PHE A 191 -8.23 -8.96 -4.44
N ASP A 192 -7.30 -9.44 -3.65
CA ASP A 192 -7.29 -9.11 -2.25
C ASP A 192 -5.83 -9.00 -1.89
N ALA A 193 -5.55 -8.20 -0.88
CA ALA A 193 -4.20 -8.13 -0.35
C ALA A 193 -4.31 -7.97 1.13
N THR A 194 -3.31 -8.48 1.83
CA THR A 194 -3.21 -8.28 3.25
C THR A 194 -1.80 -7.94 3.54
N PHE A 195 -1.59 -7.00 4.43
CA PHE A 195 -0.24 -6.86 4.95
C PHE A 195 -0.27 -6.53 6.40
N THR A 196 0.77 -6.94 7.11
CA THR A 196 0.89 -6.53 8.50
C THR A 196 2.08 -5.62 8.60
N PHE A 197 2.01 -4.72 9.56
CA PHE A 197 2.95 -3.63 9.60
C PHE A 197 3.16 -3.21 11.02
N LEU A 198 4.28 -2.57 11.26
CA LEU A 198 4.58 -2.09 12.58
C LEU A 198 5.11 -0.70 12.41
N ILE A 199 4.25 0.27 12.73
CA ILE A 199 4.63 1.68 12.74
C ILE A 199 4.90 2.07 14.16
N LYS A 200 6.13 2.49 14.40
CA LYS A 200 6.55 2.94 15.71
C LYS A 200 7.33 4.21 15.50
N SER A 201 7.12 5.15 16.42
CA SER A 201 7.79 6.43 16.34
C SER A 201 7.93 7.00 17.73
N SER A 202 8.99 7.78 17.90
CA SER A 202 9.17 8.60 19.10
C SER A 202 8.64 10.00 18.84
N ASP A 203 8.31 10.30 17.58
CA ASP A 203 7.73 11.58 17.23
C ASP A 203 6.30 11.63 17.74
N SER A 204 5.96 12.76 18.35
CA SER A 204 4.62 12.95 18.89
C SER A 204 3.58 12.82 17.78
N HIS A 205 3.97 13.25 16.57
CA HIS A 205 3.13 13.08 15.40
C HIS A 205 3.95 12.35 14.33
N PRO A 206 3.86 11.02 14.35
CA PRO A 206 4.65 10.22 13.41
C PRO A 206 4.21 10.55 12.01
N ALA A 207 5.04 10.18 11.05
CA ALA A 207 4.70 10.40 9.65
C ALA A 207 5.53 9.44 8.82
N ASP A 208 5.10 9.13 7.58
CA ASP A 208 3.95 9.71 6.89
C ASP A 208 2.89 8.68 6.57
N GLY A 209 3.30 7.43 6.49
CA GLY A 209 2.31 6.38 6.28
C GLY A 209 2.81 5.29 5.37
N ILE A 210 1.92 4.33 5.14
CA ILE A 210 2.22 3.17 4.33
C ILE A 210 1.06 3.00 3.39
N ALA A 211 1.33 2.53 2.18
CA ALA A 211 0.23 2.30 1.25
C ALA A 211 0.41 0.97 0.59
N PHE A 212 -0.71 0.32 0.29
CA PHE A 212 -0.69 -0.74 -0.69
C PHE A 212 -1.12 -0.09 -2.00
N PHE A 213 -0.41 -0.38 -3.07
CA PHE A 213 -0.75 0.27 -4.31
C PHE A 213 -0.68 -0.64 -5.49
N ILE A 214 -1.35 -0.20 -6.55
CA ILE A 214 -1.36 -0.92 -7.81
C ILE A 214 -1.02 0.12 -8.83
N SER A 215 -0.09 -0.22 -9.70
CA SER A 215 0.43 0.77 -10.63
C SER A 215 0.70 0.20 -11.99
N ASN A 216 0.95 1.07 -12.95
CA ASN A 216 1.52 0.60 -14.19
C ASN A 216 2.79 -0.24 -13.88
N ILE A 217 3.09 -1.19 -14.76
CA ILE A 217 4.14 -2.13 -14.42
C ILE A 217 5.49 -1.47 -14.20
N ASP A 218 5.73 -0.35 -14.88
CA ASP A 218 7.02 0.31 -14.82
C ASP A 218 7.08 1.45 -13.80
N SER A 219 6.12 1.43 -12.87
CA SER A 219 5.99 2.48 -11.87
C SER A 219 7.28 2.57 -11.09
N SER A 220 7.67 3.80 -10.76
CA SER A 220 8.85 4.07 -9.96
C SER A 220 8.49 5.19 -9.01
N ILE A 221 9.29 5.35 -7.97
CA ILE A 221 9.05 6.41 -7.00
C ILE A 221 9.15 7.75 -7.69
N PRO A 222 8.06 8.51 -7.70
CA PRO A 222 8.10 9.83 -8.35
C PRO A 222 9.09 10.72 -7.63
N SER A 223 9.76 11.59 -8.38
CA SER A 223 10.69 12.48 -7.72
C SER A 223 9.92 13.34 -6.73
N GLY A 224 10.53 13.57 -5.56
CA GLY A 224 9.99 14.44 -4.54
C GLY A 224 8.73 13.91 -3.89
N SER A 225 8.68 12.58 -3.72
CA SER A 225 7.50 11.94 -3.16
C SER A 225 7.70 11.38 -1.76
N THR A 226 8.72 11.85 -1.03
CA THR A 226 8.79 11.53 0.38
C THR A 226 7.67 12.31 1.08
N GLY A 227 7.57 12.16 2.39
CA GLY A 227 6.61 12.91 3.14
C GLY A 227 5.20 12.57 2.68
N ARG A 228 4.39 13.60 2.50
CA ARG A 228 2.95 13.45 2.36
C ARG A 228 2.53 12.71 1.11
N LEU A 229 3.46 12.57 0.17
CA LEU A 229 3.14 11.98 -1.13
C LEU A 229 3.31 10.46 -1.12
N LEU A 230 3.83 9.95 0.01
CA LEU A 230 3.84 8.53 0.34
C LEU A 230 4.55 7.66 -0.68
N GLY A 231 5.46 8.26 -1.45
CA GLY A 231 6.15 7.54 -2.50
C GLY A 231 5.29 7.17 -3.70
N LEU A 232 4.08 7.73 -3.78
CA LEU A 232 3.12 7.30 -4.81
C LEU A 232 2.91 8.31 -5.90
N PHE A 233 2.99 9.58 -5.54
CA PHE A 233 2.57 10.66 -6.43
C PHE A 233 3.66 11.70 -6.57
N PRO A 234 3.73 12.31 -7.75
CA PRO A 234 4.72 13.35 -8.04
C PRO A 234 4.33 14.71 -7.43
N ASP A 235 3.05 14.86 -7.09
CA ASP A 235 2.53 16.08 -6.52
C ASP A 235 1.25 15.77 -5.76
N ALA A 236 0.66 16.79 -5.16
CA ALA A 236 -0.49 16.59 -4.30
C ALA A 236 -1.79 16.87 -5.02
N ASN A 237 -1.75 16.94 -6.34
CA ASN A 237 -2.96 17.25 -7.11
C ASN A 237 -4.07 16.24 -6.84
#